data_8I06
#
_entry.id   8I06
#
_cell.length_a   161.710
_cell.length_b   161.710
_cell.length_c   161.710
_cell.angle_alpha   90.00
_cell.angle_beta   90.00
_cell.angle_gamma   90.00
#
_symmetry.space_group_name_H-M   'I 21 3'
#
loop_
_entity.id
_entity.type
_entity.pdbx_description
1 polymer 'Serine acetyltransferase'
2 non-polymer CYSTEINE
3 non-polymer 'COENZYME A'
4 water water
#
_entity_poly.entity_id   1
_entity_poly.type   'polypeptide(L)'
_entity_poly.pdbx_seq_one_letter_code
;MHHHHHHDPPCEELEIVWKNIKAEARALADCEPMLASFYHATLLKHENLGSALSYMLANKLASPIMPAIAIREVVEEAYA
ADPEMIASAACDIQAVRTRDPAVDKYSTPLLYLKGFHALQAYRIGHWLWNKGRRALAIFLQNQVSVSFQVDIHPAAKIGR
GIMLDHATGIVVGETAVIEDDVSILQSVTLGGTGKTSGDRHPKIREGVMIGAGAKILGNIEVGRGAKIGAGSVVLQPVPP
HTTAAGVPARIVGKPGSDKPSMDMDQHFNGIHHTFEYGDG
;
_entity_poly.pdbx_strand_id   A,B
#
# COMPACT_ATOMS: atom_id res chain seq x y z
N PRO A 9 6.61 -3.24 30.44
CA PRO A 9 6.63 -4.41 29.62
C PRO A 9 6.37 -4.09 28.17
N PRO A 10 6.55 -5.09 27.34
CA PRO A 10 6.34 -4.92 25.94
C PRO A 10 5.05 -4.22 25.56
N CYS A 11 3.92 -4.63 26.13
CA CYS A 11 2.60 -4.07 25.76
C CYS A 11 2.41 -2.63 26.25
N GLU A 12 3.05 -2.26 27.36
CA GLU A 12 3.01 -0.89 27.85
C GLU A 12 3.90 -0.05 26.92
N GLU A 13 5.02 -0.63 26.47
CA GLU A 13 5.91 0.04 25.50
C GLU A 13 5.20 0.36 24.19
N LEU A 14 4.29 -0.48 23.79
CA LEU A 14 3.53 -0.25 22.60
C LEU A 14 2.94 1.13 22.61
N GLU A 15 2.39 1.53 23.74
CA GLU A 15 1.77 2.82 23.81
C GLU A 15 2.66 3.97 24.20
N ILE A 16 3.63 3.76 25.06
CA ILE A 16 4.49 4.84 25.46
C ILE A 16 5.36 5.30 24.31
N VAL A 17 5.69 4.37 23.44
CA VAL A 17 6.52 4.63 22.30
C VAL A 17 5.73 5.36 21.23
N TRP A 18 4.56 4.85 20.93
CA TRP A 18 3.76 5.46 19.92
C TRP A 18 3.39 6.85 20.33
N LYS A 19 3.05 7.04 21.59
CA LYS A 19 2.70 8.35 22.07
C LYS A 19 3.79 9.31 21.72
N ASN A 20 5.00 8.95 22.08
CA ASN A 20 6.15 9.78 21.81
C ASN A 20 6.46 10.02 20.36
N ILE A 21 6.27 9.03 19.53
CA ILE A 21 6.55 9.18 18.12
C ILE A 21 5.58 10.18 17.54
N LYS A 22 4.32 10.11 17.92
CA LYS A 22 3.35 11.02 17.38
C LYS A 22 3.69 12.45 17.72
N ALA A 23 4.12 12.68 18.95
CA ALA A 23 4.46 14.00 19.37
C ALA A 23 5.62 14.51 18.57
N GLU A 24 6.61 13.67 18.38
CA GLU A 24 7.79 14.03 17.64
C GLU A 24 7.44 14.40 16.25
N ALA A 25 6.52 13.66 15.67
CA ALA A 25 6.11 13.89 14.31
C ALA A 25 5.46 15.24 14.07
N ARG A 26 4.70 15.72 15.03
CA ARG A 26 4.04 16.99 14.86
C ARG A 26 5.11 18.06 14.81
N ALA A 27 6.07 17.98 15.72
CA ALA A 27 7.15 18.96 15.82
C ALA A 27 8.09 18.92 14.63
N LEU A 28 8.31 17.72 14.09
CA LEU A 28 9.15 17.54 12.90
C LEU A 28 8.50 18.11 11.66
N ALA A 29 7.21 17.89 11.53
CA ALA A 29 6.48 18.42 10.37
C ALA A 29 6.56 19.95 10.32
N ASP A 30 6.33 20.60 11.47
CA ASP A 30 6.42 22.06 11.58
C ASP A 30 7.81 22.63 11.27
N CYS A 31 8.86 21.91 11.63
CA CYS A 31 10.21 22.45 11.49
C CYS A 31 10.89 22.03 10.15
N GLU A 32 10.37 21.07 9.41
CA GLU A 32 11.01 20.73 8.14
C GLU A 32 10.00 20.48 7.04
N PRO A 33 9.63 21.54 6.27
CA PRO A 33 8.56 21.46 5.27
C PRO A 33 8.82 20.53 4.10
N MET A 34 10.07 20.29 3.74
CA MET A 34 10.36 19.31 2.67
C MET A 34 10.00 17.85 2.98
N LEU A 35 9.93 17.52 4.26
CA LEU A 35 9.61 16.19 4.73
C LEU A 35 8.23 16.08 5.38
N ALA A 36 7.53 17.21 5.50
CA ALA A 36 6.27 17.29 6.24
C ALA A 36 5.27 16.23 5.80
N SER A 37 5.16 16.03 4.50
CA SER A 37 4.23 15.04 3.97
C SER A 37 4.74 13.63 4.21
N PHE A 38 6.07 13.46 4.20
CA PHE A 38 6.69 12.19 4.58
C PHE A 38 6.32 11.84 6.02
N TYR A 39 6.53 12.77 6.93
CA TYR A 39 6.16 12.52 8.33
C TYR A 39 4.66 12.29 8.49
N HIS A 40 3.84 12.94 7.64
CA HIS A 40 2.36 12.81 7.75
C HIS A 40 1.84 11.44 7.28
N ALA A 41 2.35 11.03 6.13
CA ALA A 41 2.02 9.75 5.59
C ALA A 41 2.53 8.56 6.43
N THR A 42 3.77 8.65 6.93
CA THR A 42 4.36 7.51 7.64
C THR A 42 3.88 7.45 9.08
N LEU A 43 3.77 8.59 9.74
CA LEU A 43 3.48 8.62 11.17
C LEU A 43 2.14 9.23 11.57
N LEU A 44 1.85 10.48 11.17
CA LEU A 44 0.71 11.24 11.76
C LEU A 44 -0.65 10.67 11.37
N LYS A 45 -0.79 10.15 10.15
CA LYS A 45 -2.01 9.47 9.73
C LYS A 45 -2.24 8.09 10.33
N HIS A 46 -1.44 7.65 11.29
CA HIS A 46 -1.64 6.29 11.86
C HIS A 46 -1.95 6.41 13.32
N GLU A 47 -2.67 5.42 13.83
CA GLU A 47 -3.16 5.47 15.22
C GLU A 47 -2.40 4.56 16.18
N ASN A 48 -1.53 3.69 15.64
CA ASN A 48 -0.69 2.79 16.44
C ASN A 48 0.60 2.44 15.69
N LEU A 49 1.58 1.91 16.42
CA LEU A 49 2.90 1.59 15.87
C LEU A 49 2.81 0.56 14.76
N GLY A 50 1.97 -0.44 14.95
CA GLY A 50 1.79 -1.52 13.98
C GLY A 50 1.43 -1.07 12.58
N SER A 51 0.60 -0.05 12.52
CA SER A 51 0.10 0.49 11.27
C SER A 51 1.23 1.29 10.57
N ALA A 52 1.94 2.11 11.34
CA ALA A 52 3.20 2.79 10.89
C ALA A 52 4.35 1.87 10.45
N LEU A 53 4.52 0.74 11.14
CA LEU A 53 5.57 -0.20 10.89
C LEU A 53 5.35 -0.94 9.61
N SER A 54 4.09 -1.35 9.39
CA SER A 54 3.71 -2.00 8.13
C SER A 54 3.88 -1.06 6.96
N TYR A 55 3.52 0.21 7.17
CA TYR A 55 3.73 1.24 6.17
C TYR A 55 5.21 1.33 5.86
N MET A 56 6.02 1.48 6.90
CA MET A 56 7.47 1.62 6.74
C MET A 56 8.15 0.38 6.12
N LEU A 57 7.80 -0.82 6.58
CA LEU A 57 8.40 -2.01 5.98
C LEU A 57 8.03 -2.18 4.52
N ALA A 58 6.76 -1.93 4.19
CA ALA A 58 6.27 -2.05 2.82
C ALA A 58 7.09 -1.20 1.84
N ASN A 59 7.26 0.09 2.13
CA ASN A 59 8.15 0.96 1.30
C ASN A 59 9.61 0.51 1.26
N LYS A 60 10.12 0.11 2.40
CA LYS A 60 11.51 -0.35 2.52
C LYS A 60 11.82 -1.67 1.79
N LEU A 61 10.88 -2.60 1.77
CA LEU A 61 11.05 -3.90 1.07
C LEU A 61 10.55 -3.96 -0.38
N ALA A 62 10.01 -2.85 -0.85
CA ALA A 62 9.36 -2.80 -2.16
C ALA A 62 10.37 -3.06 -3.25
N SER A 63 9.91 -3.74 -4.29
CA SER A 63 10.73 -3.99 -5.48
C SER A 63 9.79 -4.18 -6.68
N PRO A 64 10.33 -4.11 -7.90
CA PRO A 64 9.53 -4.45 -9.10
C PRO A 64 8.78 -5.79 -8.98
N ILE A 65 9.48 -6.81 -8.48
CA ILE A 65 8.86 -8.11 -8.28
C ILE A 65 7.68 -8.01 -7.30
N MET A 66 7.83 -7.22 -6.24
CA MET A 66 6.79 -7.13 -5.23
C MET A 66 6.69 -5.74 -4.60
N PRO A 67 5.68 -4.97 -5.01
CA PRO A 67 5.57 -3.58 -4.61
C PRO A 67 5.01 -3.36 -3.18
N ALA A 68 5.26 -2.17 -2.66
CA ALA A 68 4.79 -1.78 -1.32
C ALA A 68 3.37 -2.25 -0.98
N ILE A 69 2.43 -1.86 -1.82
CA ILE A 69 1.03 -2.19 -1.63
C ILE A 69 0.81 -3.68 -1.33
N ALA A 70 1.52 -4.55 -2.04
CA ALA A 70 1.42 -6.01 -1.88
C ALA A 70 2.14 -6.50 -0.60
N ILE A 71 3.34 -5.99 -0.36
CA ILE A 71 4.06 -6.32 0.88
C ILE A 71 3.31 -5.93 2.15
N ARG A 72 2.63 -4.79 2.11
CA ARG A 72 1.87 -4.36 3.27
C ARG A 72 0.83 -5.39 3.69
N GLU A 73 0.15 -6.00 2.72
CA GLU A 73 -0.81 -7.06 3.01
C GLU A 73 -0.12 -8.19 3.78
N VAL A 74 1.05 -8.59 3.29
CA VAL A 74 1.79 -9.68 3.92
C VAL A 74 2.15 -9.28 5.34
N VAL A 75 2.72 -8.11 5.48
CA VAL A 75 3.12 -7.63 6.79
C VAL A 75 1.92 -7.51 7.74
N GLU A 76 0.79 -6.98 7.27
CA GLU A 76 -0.44 -6.87 8.09
C GLU A 76 -1.05 -8.24 8.42
N GLU A 77 -0.98 -9.19 7.51
CA GLU A 77 -1.41 -10.55 7.84
C GLU A 77 -0.63 -11.08 9.04
N ALA A 78 0.69 -10.93 8.98
CA ALA A 78 1.59 -11.40 10.04
C ALA A 78 1.32 -10.69 11.37
N TYR A 79 1.14 -9.37 11.33
CA TYR A 79 0.82 -8.63 12.55
C TYR A 79 -0.52 -9.03 13.22
N ALA A 80 -1.51 -9.39 12.41
CA ALA A 80 -2.81 -9.86 12.87
C ALA A 80 -2.65 -11.21 13.50
N ALA A 81 -1.94 -12.09 12.81
CA ALA A 81 -1.62 -13.44 13.31
C ALA A 81 -0.77 -13.45 14.58
N ASP A 82 0.27 -12.61 14.66
CA ASP A 82 1.15 -12.55 15.83
C ASP A 82 1.54 -11.12 16.24
N PRO A 83 0.68 -10.44 16.99
CA PRO A 83 0.99 -9.05 17.40
C PRO A 83 2.13 -8.87 18.39
N GLU A 84 2.69 -9.94 18.94
CA GLU A 84 3.95 -9.80 19.70
C GLU A 84 5.12 -9.23 18.86
N MET A 85 5.13 -9.47 17.54
CA MET A 85 6.12 -8.85 16.68
C MET A 85 6.08 -7.34 16.80
N ILE A 86 4.90 -6.76 16.92
CA ILE A 86 4.81 -5.30 17.11
C ILE A 86 5.36 -4.90 18.49
N ALA A 87 4.95 -5.60 19.54
CA ALA A 87 5.50 -5.34 20.87
C ALA A 87 7.02 -5.49 20.91
N SER A 88 7.58 -6.49 20.22
CA SER A 88 9.04 -6.60 20.13
C SER A 88 9.63 -5.34 19.48
N ALA A 89 9.00 -4.91 18.39
CA ALA A 89 9.46 -3.73 17.70
C ALA A 89 9.49 -2.55 18.62
N ALA A 90 8.47 -2.45 19.47
CA ALA A 90 8.38 -1.37 20.46
C ALA A 90 9.57 -1.42 21.37
N CYS A 91 9.93 -2.62 21.79
CA CYS A 91 11.09 -2.80 22.69
C CYS A 91 12.41 -2.50 22.01
N ASP A 92 12.50 -2.91 20.75
CA ASP A 92 13.66 -2.61 19.92
C ASP A 92 13.83 -1.09 19.74
N ILE A 93 12.74 -0.38 19.45
CA ILE A 93 12.78 1.07 19.41
C ILE A 93 13.28 1.64 20.73
N GLN A 94 12.72 1.15 21.83
CA GLN A 94 13.08 1.66 23.17
C GLN A 94 14.56 1.44 23.41
N ALA A 95 15.04 0.25 23.05
CA ALA A 95 16.44 -0.08 23.16
C ALA A 95 17.36 0.91 22.44
N VAL A 96 17.03 1.21 21.19
CA VAL A 96 17.85 2.15 20.41
C VAL A 96 17.87 3.52 21.10
N ARG A 97 16.69 4.02 21.47
CA ARG A 97 16.56 5.31 22.14
C ARG A 97 17.45 5.38 23.37
N THR A 98 17.38 4.38 24.24
CA THR A 98 18.12 4.54 25.48
C THR A 98 19.60 4.22 25.30
N ARG A 99 20.00 3.40 24.35
CA ARG A 99 21.38 2.88 24.33
C ARG A 99 22.27 3.60 23.38
N ASP A 100 21.77 4.10 22.25
CA ASP A 100 22.64 4.77 21.30
C ASP A 100 22.61 6.26 21.63
N PRO A 101 23.72 6.81 22.15
CA PRO A 101 23.76 8.22 22.59
C PRO A 101 23.48 9.24 21.48
N ALA A 102 23.73 8.84 20.23
CA ALA A 102 23.38 9.64 19.04
C ALA A 102 21.88 9.66 18.67
N VAL A 103 21.04 8.86 19.33
CA VAL A 103 19.61 8.81 18.99
C VAL A 103 18.83 9.39 20.16
N ASP A 104 18.10 10.47 19.87
CA ASP A 104 17.39 11.28 20.88
C ASP A 104 15.89 11.38 20.58
N LYS A 105 15.43 10.58 19.63
CA LYS A 105 14.03 10.53 19.30
C LYS A 105 13.64 9.08 19.02
N TYR A 106 12.43 8.76 19.44
CA TYR A 106 11.80 7.45 19.16
C TYR A 106 11.51 7.22 17.71
N SER A 107 11.30 8.29 16.96
CA SER A 107 10.94 8.17 15.54
C SER A 107 12.12 7.75 14.67
N THR A 108 13.31 7.96 15.16
CA THR A 108 14.51 7.85 14.33
C THR A 108 14.71 6.41 13.87
N PRO A 109 14.57 5.42 14.79
CA PRO A 109 14.66 4.03 14.33
C PRO A 109 13.66 3.68 13.26
N LEU A 110 12.45 4.15 13.49
CA LEU A 110 11.30 3.76 12.71
C LEU A 110 11.45 4.37 11.36
N LEU A 111 11.92 5.60 11.32
CA LEU A 111 12.01 6.31 10.04
C LEU A 111 13.23 5.92 9.25
N TYR A 112 14.36 5.75 9.93
CA TYR A 112 15.66 5.91 9.28
C TYR A 112 16.63 4.75 9.40
N LEU A 113 16.69 4.12 10.56
CA LEU A 113 17.77 3.18 10.85
C LEU A 113 17.53 1.81 10.21
N LYS A 114 18.45 1.47 9.33
CA LYS A 114 18.36 0.26 8.52
C LYS A 114 18.47 -1.01 9.34
N GLY A 115 19.17 -0.93 10.47
CA GLY A 115 19.27 -2.04 11.39
C GLY A 115 17.95 -2.37 12.02
N PHE A 116 17.23 -1.33 12.42
CA PHE A 116 15.90 -1.52 12.95
C PHE A 116 14.96 -2.12 11.86
N HIS A 117 15.02 -1.60 10.63
CA HIS A 117 14.21 -2.11 9.55
C HIS A 117 14.54 -3.53 9.22
N ALA A 118 15.82 -3.84 9.13
CA ALA A 118 16.22 -5.24 8.83
C ALA A 118 15.72 -6.18 9.90
N LEU A 119 15.82 -5.72 11.14
CA LEU A 119 15.37 -6.50 12.28
C LEU A 119 13.90 -6.85 12.19
N GLN A 120 13.05 -5.86 11.95
CA GLN A 120 11.60 -6.12 11.81
C GLN A 120 11.28 -6.92 10.55
N ALA A 121 12.03 -6.69 9.48
CA ALA A 121 11.91 -7.52 8.29
C ALA A 121 12.25 -9.00 8.58
N TYR A 122 13.32 -9.25 9.32
CA TYR A 122 13.61 -10.62 9.76
C TYR A 122 12.40 -11.21 10.47
N ARG A 123 11.73 -10.43 11.33
CA ARG A 123 10.51 -10.95 12.05
C ARG A 123 9.42 -11.44 11.10
N ILE A 124 9.20 -10.69 10.04
CA ILE A 124 8.19 -11.12 9.08
C ILE A 124 8.66 -12.40 8.43
N GLY A 125 9.92 -12.43 8.02
CA GLY A 125 10.48 -13.65 7.39
C GLY A 125 10.47 -14.89 8.27
N HIS A 126 10.69 -14.67 9.57
CA HIS A 126 10.69 -15.76 10.57
C HIS A 126 9.29 -16.33 10.74
N TRP A 127 8.31 -15.43 10.77
CA TRP A 127 6.93 -15.85 10.87
C TRP A 127 6.58 -16.65 9.65
N LEU A 128 6.98 -16.17 8.47
CA LEU A 128 6.74 -16.90 7.22
C LEU A 128 7.44 -18.25 7.21
N TRP A 129 8.68 -18.27 7.66
CA TRP A 129 9.44 -19.51 7.72
C TRP A 129 8.74 -20.58 8.56
N ASN A 130 8.15 -20.19 9.70
CA ASN A 130 7.50 -21.17 10.61
C ASN A 130 6.09 -21.57 10.20
N LYS A 131 5.54 -20.81 9.28
CA LYS A 131 4.34 -21.16 8.58
C LYS A 131 4.61 -22.00 7.33
N GLY A 132 5.85 -22.41 7.07
CA GLY A 132 6.16 -23.16 5.85
C GLY A 132 6.22 -22.38 4.54
N ARG A 133 6.12 -21.05 4.59
CA ARG A 133 6.26 -20.20 3.40
C ARG A 133 7.74 -19.72 3.23
N ARG A 134 8.55 -20.71 2.90
CA ARG A 134 9.99 -20.57 2.86
C ARG A 134 10.52 -19.88 1.61
N ALA A 135 9.94 -20.20 0.47
CA ALA A 135 10.25 -19.49 -0.78
C ALA A 135 10.16 -17.98 -0.59
N LEU A 136 9.07 -17.51 0.01
CA LEU A 136 8.92 -16.07 0.29
C LEU A 136 9.88 -15.54 1.39
N ALA A 137 10.11 -16.34 2.43
CA ALA A 137 11.09 -15.95 3.47
C ALA A 137 12.53 -15.70 2.96
N ILE A 138 12.93 -16.49 1.97
CA ILE A 138 14.25 -16.44 1.32
C ILE A 138 14.32 -15.26 0.36
N PHE A 139 13.22 -15.01 -0.35
CA PHE A 139 13.13 -13.83 -1.19
C PHE A 139 13.37 -12.58 -0.31
N LEU A 140 12.73 -12.52 0.85
CA LEU A 140 12.81 -11.37 1.72
C LEU A 140 14.14 -11.29 2.45
N GLN A 141 14.68 -12.42 2.88
CA GLN A 141 16.00 -12.40 3.51
C GLN A 141 17.01 -11.73 2.55
N ASN A 142 17.05 -12.18 1.30
CA ASN A 142 18.05 -11.63 0.37
C ASN A 142 17.76 -10.22 -0.10
N GLN A 143 16.48 -9.86 -0.20
CA GLN A 143 16.09 -8.45 -0.37
C GLN A 143 16.71 -7.59 0.76
N VAL A 144 16.51 -8.03 2.00
CA VAL A 144 17.03 -7.36 3.19
C VAL A 144 18.57 -7.22 3.11
N SER A 145 19.25 -8.29 2.70
CA SER A 145 20.67 -8.26 2.48
C SER A 145 21.10 -7.18 1.53
N VAL A 146 20.40 -7.04 0.40
CA VAL A 146 20.78 -6.08 -0.65
C VAL A 146 20.42 -4.65 -0.23
N SER A 147 19.20 -4.48 0.29
CA SER A 147 18.71 -3.15 0.62
C SER A 147 19.39 -2.56 1.85
N PHE A 148 19.61 -3.39 2.88
CA PHE A 148 20.10 -2.90 4.18
C PHE A 148 21.43 -3.51 4.62
N GLN A 149 21.97 -4.44 3.83
CA GLN A 149 23.28 -5.04 4.14
C GLN A 149 23.34 -5.81 5.47
N VAL A 150 22.19 -6.35 5.87
CA VAL A 150 22.06 -7.23 7.02
C VAL A 150 21.57 -8.52 6.45
N ASP A 151 22.21 -9.61 6.83
CA ASP A 151 21.86 -10.94 6.35
C ASP A 151 21.48 -11.86 7.54
N ILE A 152 20.20 -12.10 7.72
CA ILE A 152 19.71 -12.89 8.83
C ILE A 152 18.94 -14.03 8.21
N HIS A 153 19.35 -15.26 8.44
CA HIS A 153 18.57 -16.39 7.95
C HIS A 153 17.24 -16.46 8.74
N PRO A 154 16.14 -16.65 8.04
CA PRO A 154 14.85 -16.53 8.75
C PRO A 154 14.57 -17.54 9.86
N ALA A 155 15.21 -18.71 9.82
CA ALA A 155 15.20 -19.71 10.94
C ALA A 155 15.95 -19.32 12.24
N ALA A 156 16.80 -18.30 12.17
CA ALA A 156 17.39 -17.77 13.37
C ALA A 156 16.32 -17.38 14.37
N LYS A 157 16.62 -17.49 15.67
CA LYS A 157 15.71 -17.08 16.75
C LYS A 157 16.25 -15.88 17.46
N ILE A 158 15.56 -14.76 17.28
CA ILE A 158 15.98 -13.49 17.84
C ILE A 158 14.86 -12.91 18.66
N GLY A 159 15.19 -12.41 19.83
CA GLY A 159 14.24 -11.78 20.74
C GLY A 159 14.09 -10.30 20.51
N ARG A 160 13.90 -9.57 21.60
CA ARG A 160 13.44 -8.18 21.57
C ARG A 160 14.33 -7.30 22.41
N GLY A 161 14.17 -6.00 22.25
CA GLY A 161 15.08 -5.06 22.85
C GLY A 161 16.44 -5.23 22.21
N ILE A 162 16.47 -5.53 20.91
CA ILE A 162 17.70 -5.67 20.16
C ILE A 162 18.05 -4.37 19.49
N MET A 163 19.28 -3.91 19.67
CA MET A 163 19.82 -2.78 18.91
C MET A 163 20.80 -3.25 17.83
N LEU A 164 20.50 -2.98 16.56
CA LEU A 164 21.47 -3.24 15.48
C LEU A 164 21.89 -1.92 14.90
N ASP A 165 22.64 -1.13 15.64
CA ASP A 165 23.17 0.10 15.00
C ASP A 165 24.57 -0.34 14.72
N HIS A 166 25.23 0.06 13.67
CA HIS A 166 24.80 0.77 12.49
C HIS A 166 24.99 -0.43 11.59
N ALA A 167 23.96 -1.02 11.06
CA ALA A 167 24.00 -2.49 10.95
C ALA A 167 24.85 -3.14 9.85
N THR A 168 25.62 -2.34 9.12
CA THR A 168 26.16 -2.83 7.87
C THR A 168 27.17 -4.00 8.04
N GLY A 169 26.96 -5.05 7.28
CA GLY A 169 27.75 -6.27 7.41
C GLY A 169 27.34 -7.37 8.37
N ILE A 170 26.22 -7.24 9.09
CA ILE A 170 25.84 -8.27 10.07
C ILE A 170 25.41 -9.52 9.36
N VAL A 171 25.94 -10.66 9.80
CA VAL A 171 25.52 -11.96 9.29
C VAL A 171 25.12 -12.86 10.45
N VAL A 172 23.92 -13.42 10.35
CA VAL A 172 23.41 -14.29 11.40
C VAL A 172 22.90 -15.59 10.79
N GLY A 173 23.45 -16.71 11.22
CA GLY A 173 23.14 -18.02 10.66
C GLY A 173 21.87 -18.69 11.17
N GLU A 174 21.44 -19.69 10.41
CA GLU A 174 20.22 -20.47 10.57
C GLU A 174 19.87 -20.98 11.97
N THR A 175 20.89 -21.32 12.77
CA THR A 175 20.74 -22.01 14.05
C THR A 175 21.25 -21.12 15.15
N ALA A 176 21.35 -19.81 14.90
CA ALA A 176 21.79 -18.87 15.93
C ALA A 176 20.64 -18.45 16.84
N VAL A 177 20.99 -18.15 18.09
CA VAL A 177 20.07 -17.61 19.05
C VAL A 177 20.60 -16.28 19.58
N ILE A 178 19.75 -15.26 19.56
CA ILE A 178 20.04 -13.99 20.19
C ILE A 178 18.86 -13.67 21.10
N GLU A 179 19.13 -13.50 22.38
CA GLU A 179 18.08 -13.31 23.33
C GLU A 179 17.91 -11.82 23.58
N ASP A 180 16.98 -11.48 24.46
CA ASP A 180 16.52 -10.16 24.64
C ASP A 180 17.67 -9.25 25.07
N ASP A 181 17.62 -8.00 24.64
CA ASP A 181 18.45 -6.92 25.17
C ASP A 181 19.91 -6.98 24.78
N VAL A 182 20.17 -7.60 23.63
CA VAL A 182 21.48 -7.68 23.06
C VAL A 182 21.73 -6.46 22.15
N SER A 183 22.98 -6.00 22.14
CA SER A 183 23.42 -4.86 21.33
C SER A 183 24.55 -5.37 20.44
N ILE A 184 24.34 -5.20 19.16
CA ILE A 184 25.22 -5.67 18.13
C ILE A 184 25.56 -4.47 17.29
N LEU A 185 26.84 -4.36 16.96
CA LEU A 185 27.31 -3.30 16.08
C LEU A 185 27.62 -3.83 14.64
N GLN A 186 28.26 -3.00 13.86
CA GLN A 186 28.50 -3.33 12.48
C GLN A 186 29.50 -4.47 12.33
N SER A 187 29.31 -5.27 11.28
CA SER A 187 30.22 -6.34 10.91
C SER A 187 30.29 -7.50 11.90
N VAL A 188 29.23 -7.67 12.71
CA VAL A 188 29.14 -8.88 13.52
C VAL A 188 28.73 -10.08 12.69
N THR A 189 29.45 -11.18 12.90
CA THR A 189 29.14 -12.45 12.31
C THR A 189 28.80 -13.45 13.42
N LEU A 190 27.62 -14.04 13.30
CA LEU A 190 27.21 -15.14 14.18
C LEU A 190 27.14 -16.37 13.32
N GLY A 191 28.27 -17.03 13.18
CA GLY A 191 28.40 -18.09 12.20
C GLY A 191 29.08 -19.37 12.63
N GLY A 192 29.38 -20.19 11.65
CA GLY A 192 29.97 -21.50 11.86
C GLY A 192 31.47 -21.50 11.74
N THR A 193 32.04 -22.56 12.25
CA THR A 193 33.44 -22.86 12.13
C THR A 193 33.85 -23.25 10.70
N GLY A 194 32.92 -23.83 9.95
CA GLY A 194 33.24 -24.47 8.68
C GLY A 194 33.30 -25.98 8.80
N LYS A 195 33.33 -26.50 10.02
CA LYS A 195 33.57 -27.92 10.28
C LYS A 195 32.32 -28.79 10.45
N THR A 196 31.24 -28.22 10.98
CA THR A 196 30.02 -29.01 11.29
C THR A 196 28.82 -28.61 10.43
N SER A 197 27.81 -29.46 10.47
CA SER A 197 26.49 -29.14 9.96
C SER A 197 25.48 -29.24 11.13
N GLY A 198 24.21 -28.96 10.83
CA GLY A 198 23.15 -28.95 11.85
C GLY A 198 23.32 -27.81 12.83
N ASP A 199 23.24 -28.09 14.13
CA ASP A 199 23.44 -27.06 15.14
C ASP A 199 24.91 -26.57 15.21
N ARG A 200 25.17 -25.39 14.68
CA ARG A 200 26.52 -24.93 14.47
C ARG A 200 26.77 -23.44 14.72
N HIS A 201 25.75 -22.70 15.16
CA HIS A 201 25.85 -21.26 15.32
C HIS A 201 25.70 -20.84 16.78
N PRO A 202 26.29 -19.68 17.15
CA PRO A 202 26.29 -19.28 18.56
C PRO A 202 24.93 -19.00 19.20
N LYS A 203 24.95 -19.04 20.51
CA LYS A 203 23.80 -18.80 21.36
C LYS A 203 24.21 -17.61 22.22
N ILE A 204 23.67 -16.44 21.89
CA ILE A 204 23.96 -15.20 22.61
C ILE A 204 22.86 -14.97 23.62
N ARG A 205 23.20 -14.97 24.89
CA ARG A 205 22.23 -14.79 25.97
C ARG A 205 22.01 -13.27 26.15
N GLU A 206 21.25 -12.88 27.17
CA GLU A 206 20.68 -11.56 27.20
C GLU A 206 21.62 -10.50 27.70
N GLY A 207 21.36 -9.26 27.25
CA GLY A 207 22.14 -8.11 27.73
C GLY A 207 23.58 -8.11 27.26
N VAL A 208 23.91 -8.98 26.29
CA VAL A 208 25.25 -9.09 25.76
C VAL A 208 25.52 -7.94 24.81
N MET A 209 26.70 -7.38 24.89
CA MET A 209 27.13 -6.30 24.01
C MET A 209 28.21 -6.88 23.06
N ILE A 210 27.97 -6.82 21.75
CA ILE A 210 28.93 -7.38 20.80
C ILE A 210 29.51 -6.24 20.00
N GLY A 211 30.80 -6.07 20.09
CA GLY A 211 31.47 -4.96 19.48
C GLY A 211 31.73 -5.19 18.01
N ALA A 212 32.06 -4.10 17.33
CA ALA A 212 32.19 -4.03 15.87
C ALA A 212 33.19 -5.03 15.39
N GLY A 213 32.82 -5.75 14.35
CA GLY A 213 33.71 -6.64 13.66
C GLY A 213 33.90 -7.97 14.35
N ALA A 214 33.19 -8.22 15.45
CA ALA A 214 33.35 -9.49 16.13
C ALA A 214 32.82 -10.65 15.28
N LYS A 215 33.59 -11.73 15.23
CA LYS A 215 33.18 -12.98 14.62
C LYS A 215 33.02 -13.96 15.76
N ILE A 216 31.81 -14.49 15.94
CA ILE A 216 31.52 -15.50 16.96
C ILE A 216 31.15 -16.79 16.25
N LEU A 217 32.00 -17.81 16.41
CA LEU A 217 31.96 -18.97 15.54
C LEU A 217 31.78 -20.26 16.30
N GLY A 218 30.85 -21.10 15.81
CA GLY A 218 30.54 -22.37 16.41
C GLY A 218 29.28 -22.30 17.25
N ASN A 219 28.77 -23.47 17.63
CA ASN A 219 27.64 -23.56 18.56
C ASN A 219 28.07 -23.30 19.99
N ILE A 220 28.61 -22.13 20.25
CA ILE A 220 29.13 -21.80 21.56
C ILE A 220 28.19 -20.77 22.19
N GLU A 221 28.19 -20.71 23.51
CA GLU A 221 27.38 -19.81 24.27
C GLU A 221 28.15 -18.54 24.68
N VAL A 222 27.50 -17.40 24.55
CA VAL A 222 27.98 -16.19 25.22
C VAL A 222 26.98 -15.84 26.33
N GLY A 223 27.46 -15.88 27.55
CA GLY A 223 26.57 -15.83 28.72
C GLY A 223 26.05 -14.46 29.02
N ARG A 224 24.97 -14.39 29.81
CA ARG A 224 24.31 -13.10 30.02
C ARG A 224 25.23 -12.00 30.51
N GLY A 225 25.02 -10.81 29.96
CA GLY A 225 25.75 -9.60 30.36
C GLY A 225 27.22 -9.55 29.98
N ALA A 226 27.68 -10.45 29.12
CA ALA A 226 29.07 -10.43 28.75
C ALA A 226 29.27 -9.37 27.70
N LYS A 227 30.53 -9.02 27.48
CA LYS A 227 30.93 -8.07 26.49
C LYS A 227 31.95 -8.67 25.56
N ILE A 228 31.72 -8.54 24.25
CA ILE A 228 32.64 -9.03 23.22
C ILE A 228 33.33 -7.83 22.57
N GLY A 229 34.65 -7.79 22.70
CA GLY A 229 35.45 -6.69 22.17
C GLY A 229 35.35 -6.58 20.67
N ALA A 230 35.37 -5.36 20.17
CA ALA A 230 35.45 -5.13 18.75
C ALA A 230 36.61 -5.93 18.19
N GLY A 231 36.47 -6.49 17.02
CA GLY A 231 37.57 -7.20 16.36
C GLY A 231 37.75 -8.63 16.82
N SER A 232 36.96 -9.10 17.76
CA SER A 232 37.24 -10.38 18.35
C SER A 232 36.85 -11.51 17.43
N VAL A 233 37.57 -12.62 17.55
CA VAL A 233 37.15 -13.88 16.99
C VAL A 233 36.94 -14.84 18.17
N VAL A 234 35.69 -15.12 18.50
CA VAL A 234 35.34 -15.89 19.68
C VAL A 234 35.10 -17.35 19.26
N LEU A 235 35.95 -18.25 19.76
CA LEU A 235 35.89 -19.68 19.44
C LEU A 235 35.45 -20.56 20.58
N GLN A 236 35.49 -20.03 21.79
CA GLN A 236 35.16 -20.77 22.99
C GLN A 236 34.06 -20.03 23.72
N PRO A 237 33.30 -20.76 24.52
CA PRO A 237 32.28 -20.15 25.34
C PRO A 237 32.80 -19.02 26.20
N VAL A 238 31.93 -18.04 26.42
CA VAL A 238 32.23 -16.88 27.22
C VAL A 238 31.28 -16.83 28.43
N PRO A 239 31.84 -16.95 29.63
CA PRO A 239 30.99 -16.95 30.81
C PRO A 239 30.19 -15.66 31.01
N PRO A 240 29.11 -15.73 31.79
CA PRO A 240 28.33 -14.52 32.03
C PRO A 240 29.14 -13.39 32.68
N HIS A 241 28.76 -12.15 32.40
CA HIS A 241 29.35 -10.97 33.08
C HIS A 241 30.85 -10.92 32.94
N THR A 242 31.30 -11.23 31.73
CA THR A 242 32.69 -11.40 31.43
C THR A 242 32.96 -10.63 30.14
N THR A 243 34.19 -10.20 29.95
CA THR A 243 34.63 -9.55 28.74
C THR A 243 35.58 -10.50 28.00
N ALA A 244 35.30 -10.75 26.73
CA ALA A 244 36.21 -11.54 25.90
C ALA A 244 36.69 -10.62 24.79
N ALA A 245 37.98 -10.64 24.53
CA ALA A 245 38.58 -9.83 23.47
C ALA A 245 39.82 -10.53 22.94
N GLY A 246 40.12 -10.26 21.69
CA GLY A 246 41.32 -10.77 21.03
C GLY A 246 41.03 -11.67 19.87
N VAL A 247 42.10 -12.05 19.18
CA VAL A 247 42.03 -12.93 18.05
C VAL A 247 42.99 -14.10 18.24
N PRO A 248 42.54 -15.26 18.72
CA PRO A 248 41.17 -15.53 19.15
C PRO A 248 40.91 -14.97 20.53
N ALA A 249 39.65 -14.90 20.91
CA ALA A 249 39.28 -14.15 22.10
C ALA A 249 39.72 -14.87 23.36
N ARG A 250 40.29 -14.14 24.31
CA ARG A 250 40.48 -14.65 25.68
C ARG A 250 39.63 -13.83 26.66
N ILE A 251 39.30 -14.43 27.82
CA ILE A 251 38.61 -13.72 28.89
C ILE A 251 39.57 -12.74 29.52
N VAL A 252 39.22 -11.46 29.52
CA VAL A 252 40.17 -10.40 29.88
C VAL A 252 39.93 -9.81 31.24
N GLU B 13 -26.13 -9.52 -5.06
CA GLU B 13 -25.99 -8.59 -6.17
C GLU B 13 -24.56 -8.13 -6.22
N LEU B 14 -23.97 -8.00 -5.04
CA LEU B 14 -22.59 -7.58 -4.91
C LEU B 14 -21.81 -8.82 -4.72
N GLU B 15 -22.03 -9.46 -3.59
CA GLU B 15 -21.34 -10.69 -3.27
C GLU B 15 -21.38 -11.63 -4.45
N ILE B 16 -22.35 -11.43 -5.33
CA ILE B 16 -22.47 -12.29 -6.48
C ILE B 16 -21.56 -11.86 -7.60
N VAL B 17 -21.29 -10.57 -7.68
CA VAL B 17 -20.41 -10.08 -8.70
C VAL B 17 -19.03 -10.54 -8.31
N TRP B 18 -18.69 -10.32 -7.06
CA TRP B 18 -17.40 -10.69 -6.56
C TRP B 18 -17.10 -12.15 -6.74
N LYS B 19 -18.01 -13.02 -6.33
CA LYS B 19 -17.78 -14.43 -6.46
C LYS B 19 -17.39 -14.77 -7.88
N ASN B 20 -18.01 -14.09 -8.82
CA ASN B 20 -17.71 -14.34 -10.20
C ASN B 20 -16.31 -13.92 -10.53
N ILE B 21 -15.98 -12.72 -10.08
CA ILE B 21 -14.67 -12.20 -10.33
C ILE B 21 -13.59 -13.13 -9.84
N LYS B 22 -13.78 -13.66 -8.64
CA LYS B 22 -12.79 -14.55 -8.09
C LYS B 22 -12.68 -15.79 -8.93
N ALA B 23 -13.80 -16.29 -9.42
CA ALA B 23 -13.75 -17.48 -10.23
C ALA B 23 -12.98 -17.24 -11.50
N GLU B 24 -13.30 -16.15 -12.18
CA GLU B 24 -12.61 -15.85 -13.42
C GLU B 24 -11.14 -15.82 -13.17
N ALA B 25 -10.75 -15.21 -12.07
CA ALA B 25 -9.36 -15.09 -11.73
C ALA B 25 -8.66 -16.43 -11.64
N ARG B 26 -9.25 -17.36 -10.91
CA ARG B 26 -8.64 -18.65 -10.75
C ARG B 26 -8.33 -19.28 -12.08
N ALA B 27 -9.23 -19.13 -13.02
CA ALA B 27 -9.06 -19.72 -14.36
C ALA B 27 -8.07 -18.92 -15.23
N LEU B 28 -8.06 -17.60 -15.03
CA LEU B 28 -7.13 -16.70 -15.72
C LEU B 28 -5.65 -16.96 -15.33
N ALA B 29 -5.43 -17.14 -14.02
CA ALA B 29 -4.12 -17.52 -13.46
C ALA B 29 -3.63 -18.84 -14.02
N ASP B 30 -4.54 -19.81 -14.15
CA ASP B 30 -4.20 -21.14 -14.67
C ASP B 30 -3.77 -21.16 -16.12
N CYS B 31 -4.18 -20.18 -16.93
CA CYS B 31 -3.87 -20.20 -18.37
C CYS B 31 -3.05 -19.00 -18.85
N GLU B 32 -2.64 -18.09 -17.96
CA GLU B 32 -1.65 -17.10 -18.36
C GLU B 32 -0.63 -16.82 -17.23
N PRO B 33 0.42 -17.68 -17.13
CA PRO B 33 1.29 -17.63 -15.93
C PRO B 33 2.13 -16.34 -15.81
N MET B 34 2.34 -15.65 -16.92
CA MET B 34 2.90 -14.30 -16.89
C MET B 34 2.14 -13.25 -16.08
N LEU B 35 0.84 -13.46 -15.88
CA LEU B 35 -0.02 -12.53 -15.11
C LEU B 35 -0.65 -13.15 -13.87
N ALA B 36 -0.37 -14.41 -13.65
CA ALA B 36 -0.85 -15.15 -12.49
C ALA B 36 -0.74 -14.36 -11.19
N SER B 37 0.46 -13.87 -10.93
CA SER B 37 0.72 -13.23 -9.65
C SER B 37 0.13 -11.81 -9.64
N PHE B 38 -0.04 -11.21 -10.81
CA PHE B 38 -0.89 -10.01 -10.99
C PHE B 38 -2.35 -10.29 -10.59
N TYR B 39 -2.92 -11.36 -11.16
CA TYR B 39 -4.28 -11.75 -10.81
C TYR B 39 -4.41 -12.07 -9.33
N HIS B 40 -3.36 -12.68 -8.79
CA HIS B 40 -3.36 -13.11 -7.41
C HIS B 40 -3.33 -11.91 -6.44
N ALA B 41 -2.54 -10.91 -6.80
CA ALA B 41 -2.40 -9.70 -5.96
C ALA B 41 -3.61 -8.78 -6.06
N THR B 42 -4.02 -8.50 -7.30
CA THR B 42 -5.18 -7.65 -7.57
C THR B 42 -6.52 -8.23 -7.10
N LEU B 43 -6.74 -9.53 -7.32
CA LEU B 43 -8.04 -10.17 -7.03
C LEU B 43 -8.01 -11.28 -6.01
N LEU B 44 -7.30 -12.36 -6.32
CA LEU B 44 -7.47 -13.62 -5.61
C LEU B 44 -7.18 -13.58 -4.14
N LYS B 45 -6.34 -12.65 -3.71
CA LYS B 45 -6.03 -12.60 -2.31
C LYS B 45 -6.86 -11.56 -1.56
N HIS B 46 -7.91 -11.02 -2.20
CA HIS B 46 -8.92 -10.21 -1.50
C HIS B 46 -10.19 -11.00 -1.16
N GLU B 47 -10.84 -10.55 -0.09
CA GLU B 47 -12.07 -11.13 0.43
C GLU B 47 -13.33 -10.59 -0.28
N ASN B 48 -13.27 -9.33 -0.71
CA ASN B 48 -14.43 -8.62 -1.28
C ASN B 48 -14.03 -7.58 -2.32
N LEU B 49 -15.01 -6.90 -2.89
CA LEU B 49 -14.77 -5.88 -3.90
C LEU B 49 -14.14 -4.62 -3.34
N GLY B 50 -14.58 -4.17 -2.18
CA GLY B 50 -13.97 -3.02 -1.52
C GLY B 50 -12.44 -3.08 -1.56
N SER B 51 -11.91 -4.20 -1.11
CA SER B 51 -10.48 -4.51 -1.10
C SER B 51 -9.83 -4.44 -2.46
N ALA B 52 -10.37 -5.20 -3.40
CA ALA B 52 -9.81 -5.23 -4.77
C ALA B 52 -9.77 -3.87 -5.47
N LEU B 53 -10.81 -3.08 -5.24
CA LEU B 53 -10.92 -1.73 -5.79
C LEU B 53 -9.96 -0.74 -5.17
N SER B 54 -9.82 -0.84 -3.85
CA SER B 54 -8.84 -0.01 -3.17
C SER B 54 -7.47 -0.30 -3.77
N TYR B 55 -7.12 -1.57 -3.90
CA TYR B 55 -5.82 -1.99 -4.47
C TYR B 55 -5.66 -1.43 -5.85
N MET B 56 -6.68 -1.67 -6.67
CA MET B 56 -6.66 -1.25 -8.08
C MET B 56 -6.53 0.25 -8.27
N LEU B 57 -7.29 1.01 -7.49
CA LEU B 57 -7.26 2.47 -7.63
C LEU B 57 -5.92 3.04 -7.20
N ALA B 58 -5.45 2.59 -6.02
CA ALA B 58 -4.15 2.98 -5.50
C ALA B 58 -3.06 2.89 -6.56
N ASN B 59 -3.00 1.76 -7.26
CA ASN B 59 -2.05 1.60 -8.36
C ASN B 59 -2.29 2.52 -9.53
N LYS B 60 -3.55 2.76 -9.85
CA LYS B 60 -3.91 3.59 -11.00
C LYS B 60 -3.68 5.07 -10.75
N LEU B 61 -3.78 5.49 -9.50
CA LEU B 61 -3.58 6.89 -9.15
C LEU B 61 -2.19 7.21 -8.64
N ALA B 62 -1.35 6.17 -8.55
CA ALA B 62 0.01 6.31 -8.04
C ALA B 62 0.80 7.38 -8.80
N SER B 63 1.54 8.21 -8.07
CA SER B 63 2.48 9.14 -8.66
C SER B 63 3.67 9.27 -7.70
N PRO B 64 4.77 9.91 -8.14
CA PRO B 64 5.84 10.32 -7.21
C PRO B 64 5.33 11.15 -6.03
N ILE B 65 4.35 12.02 -6.26
CA ILE B 65 3.80 12.86 -5.20
C ILE B 65 2.96 12.04 -4.20
N MET B 66 2.25 11.01 -4.69
CA MET B 66 1.52 10.13 -3.80
C MET B 66 1.55 8.69 -4.26
N PRO B 67 2.34 7.86 -3.58
CA PRO B 67 2.47 6.47 -4.00
C PRO B 67 1.20 5.67 -3.71
N ALA B 68 1.08 4.49 -4.30
CA ALA B 68 -0.09 3.62 -4.12
C ALA B 68 -0.46 3.45 -2.65
N ILE B 69 0.53 3.17 -1.84
CA ILE B 69 0.30 2.83 -0.46
C ILE B 69 -0.38 3.98 0.33
N ALA B 70 -0.11 5.23 -0.03
CA ALA B 70 -0.74 6.39 0.66
C ALA B 70 -2.14 6.71 0.10
N ILE B 71 -2.33 6.47 -1.19
CA ILE B 71 -3.64 6.60 -1.83
C ILE B 71 -4.61 5.56 -1.31
N ARG B 72 -4.14 4.35 -1.09
CA ARG B 72 -5.01 3.30 -0.61
C ARG B 72 -5.68 3.66 0.71
N GLU B 73 -4.97 4.34 1.60
CA GLU B 73 -5.55 4.71 2.89
C GLU B 73 -6.73 5.68 2.69
N VAL B 74 -6.63 6.55 1.70
CA VAL B 74 -7.67 7.54 1.38
C VAL B 74 -8.89 6.83 0.80
N VAL B 75 -8.68 5.94 -0.15
CA VAL B 75 -9.79 5.17 -0.72
C VAL B 75 -10.47 4.28 0.33
N GLU B 76 -9.69 3.65 1.20
CA GLU B 76 -10.24 2.86 2.29
C GLU B 76 -11.05 3.75 3.24
N GLU B 77 -10.60 4.99 3.42
CA GLU B 77 -11.23 5.94 4.35
C GLU B 77 -12.59 6.39 3.82
N ALA B 78 -12.64 6.58 2.51
CA ALA B 78 -13.85 6.92 1.77
C ALA B 78 -14.85 5.76 1.79
N TYR B 79 -14.44 4.58 1.33
CA TYR B 79 -15.26 3.37 1.41
C TYR B 79 -15.79 3.00 2.82
N ALA B 80 -15.05 3.37 3.87
CA ALA B 80 -15.52 3.12 5.23
C ALA B 80 -16.66 4.09 5.59
N ALA B 81 -16.44 5.38 5.35
CA ALA B 81 -17.45 6.43 5.54
C ALA B 81 -18.65 6.45 4.54
N ASP B 82 -18.48 5.87 3.34
CA ASP B 82 -19.58 5.66 2.41
C ASP B 82 -19.48 4.33 1.63
N PRO B 83 -19.88 3.21 2.28
CA PRO B 83 -19.92 1.87 1.68
C PRO B 83 -20.66 1.72 0.36
N GLU B 84 -21.59 2.64 0.09
CA GLU B 84 -22.37 2.62 -1.16
C GLU B 84 -21.53 2.84 -2.43
N MET B 85 -20.39 3.55 -2.32
CA MET B 85 -19.43 3.68 -3.44
C MET B 85 -19.00 2.32 -4.00
N ILE B 86 -18.96 1.29 -3.15
CA ILE B 86 -18.62 -0.09 -3.56
C ILE B 86 -19.80 -0.69 -4.34
N ALA B 87 -21.01 -0.54 -3.81
CA ALA B 87 -22.24 -0.98 -4.52
C ALA B 87 -22.41 -0.31 -5.90
N SER B 88 -22.15 1.00 -5.97
CA SER B 88 -22.19 1.71 -7.26
C SER B 88 -21.23 1.07 -8.25
N ALA B 89 -20.02 0.76 -7.76
CA ALA B 89 -19.00 0.16 -8.60
C ALA B 89 -19.43 -1.21 -9.11
N ALA B 90 -20.04 -2.01 -8.23
CA ALA B 90 -20.57 -3.31 -8.64
C ALA B 90 -21.57 -3.16 -9.80
N CYS B 91 -22.49 -2.19 -9.66
CA CYS B 91 -23.46 -1.92 -10.73
C CYS B 91 -22.80 -1.42 -12.01
N ASP B 92 -21.78 -0.57 -11.88
CA ASP B 92 -20.99 -0.14 -13.06
C ASP B 92 -20.23 -1.29 -13.75
N ILE B 93 -19.91 -2.35 -13.01
CA ILE B 93 -19.28 -3.54 -13.58
C ILE B 93 -20.37 -4.34 -14.33
N GLN B 94 -21.45 -4.73 -13.63
CA GLN B 94 -22.61 -5.41 -14.25
C GLN B 94 -23.01 -4.73 -15.56
N ALA B 95 -23.09 -3.40 -15.49
CA ALA B 95 -23.41 -2.57 -16.64
C ALA B 95 -22.52 -2.89 -17.85
N VAL B 96 -21.23 -2.57 -17.73
CA VAL B 96 -20.31 -2.69 -18.87
C VAL B 96 -20.30 -4.13 -19.46
N ARG B 97 -20.44 -5.16 -18.61
CA ARG B 97 -20.46 -6.55 -19.09
C ARG B 97 -21.67 -6.94 -19.97
N THR B 98 -22.85 -6.45 -19.59
CA THR B 98 -24.07 -6.74 -20.35
C THR B 98 -24.11 -5.84 -21.58
N ARG B 99 -23.84 -4.54 -21.39
CA ARG B 99 -23.88 -3.57 -22.49
C ARG B 99 -22.76 -3.71 -23.53
N ASP B 100 -21.51 -3.86 -23.10
CA ASP B 100 -20.45 -4.17 -24.05
C ASP B 100 -20.44 -5.68 -24.29
N PRO B 101 -20.57 -6.10 -25.56
CA PRO B 101 -20.46 -7.53 -25.88
C PRO B 101 -19.01 -8.01 -25.99
N ALA B 102 -18.09 -7.10 -26.36
CA ALA B 102 -16.63 -7.37 -26.37
C ALA B 102 -16.08 -7.73 -24.97
N VAL B 103 -16.74 -7.19 -23.95
CA VAL B 103 -16.51 -7.56 -22.58
C VAL B 103 -17.33 -8.81 -22.25
N ASP B 104 -16.64 -9.93 -22.07
CA ASP B 104 -17.28 -11.24 -21.75
C ASP B 104 -16.94 -11.73 -20.32
N LYS B 105 -16.52 -10.80 -19.44
CA LYS B 105 -16.01 -11.12 -18.08
C LYS B 105 -16.22 -9.98 -17.11
N TYR B 106 -16.68 -10.30 -15.90
CA TYR B 106 -16.88 -9.30 -14.84
C TYR B 106 -15.56 -8.64 -14.41
N SER B 107 -14.49 -9.44 -14.35
CA SER B 107 -13.16 -9.00 -13.92
C SER B 107 -12.57 -7.89 -14.82
N THR B 108 -12.88 -7.95 -16.11
CA THR B 108 -12.30 -7.05 -17.11
C THR B 108 -12.36 -5.54 -16.85
N PRO B 109 -13.53 -5.02 -16.45
CA PRO B 109 -13.53 -3.59 -16.14
C PRO B 109 -12.64 -3.26 -14.96
N LEU B 110 -12.74 -4.07 -13.90
CA LEU B 110 -11.92 -3.90 -12.70
C LEU B 110 -10.43 -3.95 -13.02
N LEU B 111 -10.01 -4.96 -13.80
CA LEU B 111 -8.61 -5.07 -14.21
C LEU B 111 -8.16 -3.97 -15.15
N TYR B 112 -8.90 -3.76 -16.23
CA TYR B 112 -8.35 -3.10 -17.40
C TYR B 112 -8.99 -1.83 -17.97
N LEU B 113 -10.24 -1.52 -17.67
CA LEU B 113 -10.95 -0.49 -18.46
C LEU B 113 -10.84 0.89 -17.85
N LYS B 114 -10.16 1.76 -18.58
CA LYS B 114 -9.82 3.06 -18.03
C LYS B 114 -11.03 3.94 -17.74
N GLY B 115 -12.12 3.71 -18.47
CA GLY B 115 -13.40 4.35 -18.17
C GLY B 115 -13.91 3.95 -16.81
N PHE B 116 -13.80 2.67 -16.50
CA PHE B 116 -14.21 2.21 -15.18
C PHE B 116 -13.33 2.79 -14.07
N HIS B 117 -12.01 2.75 -14.28
CA HIS B 117 -11.05 3.24 -13.28
C HIS B 117 -11.30 4.73 -13.02
N ALA B 118 -11.41 5.48 -14.12
CA ALA B 118 -11.69 6.92 -14.06
C ALA B 118 -12.98 7.23 -13.31
N LEU B 119 -13.97 6.41 -13.56
CA LEU B 119 -15.26 6.60 -12.93
C LEU B 119 -15.16 6.48 -11.42
N GLN B 120 -14.60 5.35 -10.96
CA GLN B 120 -14.40 5.11 -9.53
C GLN B 120 -13.46 6.11 -8.88
N ALA B 121 -12.43 6.52 -9.60
CA ALA B 121 -11.61 7.62 -9.12
C ALA B 121 -12.45 8.87 -8.82
N TYR B 122 -13.33 9.22 -9.78
CA TYR B 122 -14.22 10.39 -9.65
C TYR B 122 -14.96 10.29 -8.32
N ARG B 123 -15.50 9.11 -8.00
CA ARG B 123 -16.29 8.99 -6.74
C ARG B 123 -15.49 9.33 -5.49
N ILE B 124 -14.20 8.99 -5.54
CA ILE B 124 -13.29 9.31 -4.46
C ILE B 124 -13.18 10.83 -4.40
N GLY B 125 -12.87 11.44 -5.55
CA GLY B 125 -12.86 12.90 -5.69
C GLY B 125 -14.15 13.57 -5.21
N HIS B 126 -15.29 12.95 -5.52
CA HIS B 126 -16.60 13.49 -5.16
C HIS B 126 -16.77 13.48 -3.64
N TRP B 127 -16.43 12.35 -3.05
CA TRP B 127 -16.45 12.24 -1.61
C TRP B 127 -15.53 13.30 -0.98
N LEU B 128 -14.33 13.50 -1.53
CA LEU B 128 -13.39 14.46 -0.95
C LEU B 128 -13.89 15.89 -1.08
N TRP B 129 -14.41 16.21 -2.27
CA TRP B 129 -14.94 17.55 -2.56
C TRP B 129 -16.01 17.91 -1.53
N ASN B 130 -16.95 16.99 -1.35
CA ASN B 130 -18.10 17.20 -0.45
C ASN B 130 -17.70 17.33 1.01
N LYS B 131 -16.68 16.59 1.44
CA LYS B 131 -16.15 16.74 2.79
C LYS B 131 -15.40 18.07 3.04
N GLY B 132 -14.97 18.75 1.98
CA GLY B 132 -14.26 20.04 2.10
C GLY B 132 -12.81 19.98 1.66
N ARG B 133 -12.30 18.77 1.40
CA ARG B 133 -10.91 18.57 0.95
C ARG B 133 -10.84 18.74 -0.57
N ARG B 134 -10.90 20.00 -0.94
CA ARG B 134 -11.04 20.42 -2.33
C ARG B 134 -9.71 20.36 -3.03
N ALA B 135 -8.66 20.82 -2.33
CA ALA B 135 -7.28 20.85 -2.85
C ALA B 135 -6.81 19.51 -3.38
N LEU B 136 -7.21 18.45 -2.68
CA LEU B 136 -6.82 17.09 -3.01
C LEU B 136 -7.66 16.50 -4.10
N ALA B 137 -8.94 16.87 -4.14
CA ALA B 137 -9.85 16.37 -5.18
C ALA B 137 -9.48 16.90 -6.55
N ILE B 138 -8.94 18.13 -6.57
CA ILE B 138 -8.46 18.77 -7.80
C ILE B 138 -7.18 18.09 -8.31
N PHE B 139 -6.26 17.77 -7.39
CA PHE B 139 -5.08 16.98 -7.71
C PHE B 139 -5.55 15.65 -8.33
N LEU B 140 -6.53 14.99 -7.72
CA LEU B 140 -7.01 13.71 -8.24
C LEU B 140 -7.72 13.83 -9.57
N GLN B 141 -8.64 14.78 -9.68
CA GLN B 141 -9.27 15.15 -10.96
C GLN B 141 -8.28 15.19 -12.14
N ASN B 142 -7.23 16.00 -12.01
CA ASN B 142 -6.23 16.15 -13.08
C ASN B 142 -5.29 14.94 -13.24
N GLN B 143 -5.09 14.21 -12.15
CA GLN B 143 -4.39 12.93 -12.20
C GLN B 143 -5.08 12.04 -13.22
N VAL B 144 -6.38 11.82 -12.98
CA VAL B 144 -7.24 10.98 -13.82
C VAL B 144 -7.29 11.53 -15.26
N SER B 145 -7.31 12.85 -15.38
CA SER B 145 -7.25 13.47 -16.70
C SER B 145 -6.01 13.00 -17.46
N VAL B 146 -4.82 13.12 -16.87
CA VAL B 146 -3.58 12.71 -17.56
C VAL B 146 -3.47 11.18 -17.69
N SER B 147 -3.73 10.46 -16.60
CA SER B 147 -3.67 8.99 -16.59
C SER B 147 -4.61 8.33 -17.58
N PHE B 148 -5.87 8.79 -17.60
CA PHE B 148 -6.96 8.09 -18.32
C PHE B 148 -7.78 8.90 -19.33
N GLN B 149 -7.43 10.17 -19.53
CA GLN B 149 -8.06 11.04 -20.57
C GLN B 149 -9.55 11.41 -20.30
N VAL B 150 -9.96 11.26 -19.04
CA VAL B 150 -11.31 11.52 -18.58
C VAL B 150 -11.21 12.68 -17.60
N ASP B 151 -11.94 13.75 -17.89
CA ASP B 151 -11.86 14.96 -17.12
C ASP B 151 -13.22 15.31 -16.52
N ILE B 152 -13.54 14.62 -15.43
CA ILE B 152 -14.78 14.83 -14.74
C ILE B 152 -14.53 15.75 -13.58
N HIS B 153 -15.24 16.85 -13.51
CA HIS B 153 -15.13 17.71 -12.36
C HIS B 153 -15.80 17.00 -11.20
N PRO B 154 -15.17 16.98 -10.02
CA PRO B 154 -15.67 16.15 -8.92
C PRO B 154 -16.94 16.66 -8.24
N ALA B 155 -17.14 17.97 -8.24
CA ALA B 155 -18.44 18.59 -7.89
C ALA B 155 -19.64 18.09 -8.71
N ALA B 156 -19.40 17.57 -9.92
CA ALA B 156 -20.44 16.90 -10.68
C ALA B 156 -21.08 15.78 -9.86
N LYS B 157 -22.26 15.35 -10.28
CA LYS B 157 -23.04 14.33 -9.57
C LYS B 157 -23.31 13.19 -10.52
N ILE B 158 -22.80 11.99 -10.21
CA ILE B 158 -22.93 10.81 -11.08
C ILE B 158 -23.48 9.61 -10.29
N GLY B 159 -24.44 8.90 -10.87
CA GLY B 159 -25.11 7.77 -10.22
C GLY B 159 -24.50 6.44 -10.61
N ARG B 160 -25.27 5.38 -10.41
CA ARG B 160 -24.81 3.99 -10.44
C ARG B 160 -25.14 3.34 -11.79
N GLY B 161 -24.69 2.11 -12.02
CA GLY B 161 -24.91 1.43 -13.29
C GLY B 161 -24.42 2.13 -14.56
N ILE B 162 -23.44 3.02 -14.42
CA ILE B 162 -22.89 3.83 -15.53
C ILE B 162 -21.80 3.05 -16.30
N MET B 163 -21.72 3.29 -17.60
CA MET B 163 -20.66 2.74 -18.43
C MET B 163 -19.98 3.90 -19.16
N LEU B 164 -18.65 3.95 -19.07
CA LEU B 164 -17.84 4.81 -19.93
C LEU B 164 -17.01 3.87 -20.80
N ASP B 165 -17.44 3.70 -22.04
CA ASP B 165 -16.86 2.70 -22.93
C ASP B 165 -15.77 3.36 -23.77
N HIS B 166 -14.63 2.71 -23.90
CA HIS B 166 -13.48 3.27 -24.64
C HIS B 166 -13.09 4.70 -24.27
N ALA B 167 -13.38 5.09 -23.03
CA ALA B 167 -13.54 6.50 -22.57
C ALA B 167 -12.59 7.64 -23.03
N THR B 168 -11.56 7.34 -23.80
CA THR B 168 -10.65 8.40 -24.24
C THR B 168 -11.37 9.65 -24.75
N GLY B 169 -11.37 10.70 -23.93
CA GLY B 169 -11.80 12.05 -24.34
C GLY B 169 -12.86 12.72 -23.46
N ILE B 170 -13.59 11.94 -22.67
CA ILE B 170 -14.72 12.45 -21.87
C ILE B 170 -14.40 13.68 -21.01
N VAL B 171 -15.30 14.66 -21.02
CA VAL B 171 -15.23 15.88 -20.19
C VAL B 171 -16.62 16.15 -19.64
N VAL B 172 -16.69 16.56 -18.37
CA VAL B 172 -17.95 16.76 -17.64
C VAL B 172 -17.75 17.90 -16.66
N GLY B 173 -18.68 18.85 -16.63
CA GLY B 173 -18.50 20.07 -15.87
C GLY B 173 -19.02 20.05 -14.45
N GLU B 174 -18.62 21.08 -13.70
CA GLU B 174 -18.89 21.25 -12.25
C GLU B 174 -20.36 21.03 -11.84
N THR B 175 -21.27 21.67 -12.56
CA THR B 175 -22.71 21.65 -12.21
C THR B 175 -23.51 20.51 -12.85
N ALA B 176 -22.84 19.69 -13.69
CA ALA B 176 -23.45 18.60 -14.44
C ALA B 176 -24.11 17.54 -13.56
N VAL B 177 -24.98 16.75 -14.19
CA VAL B 177 -25.65 15.61 -13.57
C VAL B 177 -25.80 14.46 -14.56
N ILE B 178 -25.47 13.26 -14.08
CA ILE B 178 -25.72 12.01 -14.79
C ILE B 178 -26.35 11.10 -13.77
N GLU B 179 -27.30 10.29 -14.23
CA GLU B 179 -28.21 9.56 -13.36
C GLU B 179 -28.00 8.09 -13.67
N ASP B 180 -28.67 7.25 -12.90
CA ASP B 180 -28.46 5.81 -12.98
C ASP B 180 -28.51 5.30 -14.43
N ASP B 181 -27.77 4.23 -14.69
CA ASP B 181 -27.88 3.45 -15.95
C ASP B 181 -27.55 4.13 -17.30
N VAL B 182 -26.89 5.29 -17.26
CA VAL B 182 -26.41 5.96 -18.47
C VAL B 182 -25.22 5.20 -19.11
N SER B 183 -25.05 5.35 -20.42
CA SER B 183 -23.88 4.87 -21.14
C SER B 183 -23.32 6.00 -21.98
N ILE B 184 -22.07 6.35 -21.72
CA ILE B 184 -21.36 7.38 -22.47
C ILE B 184 -20.33 6.66 -23.31
N LEU B 185 -19.83 7.35 -24.33
CA LEU B 185 -18.74 6.86 -25.16
C LEU B 185 -17.68 7.93 -25.37
N GLN B 186 -16.63 7.57 -26.11
CA GLN B 186 -15.49 8.46 -26.34
C GLN B 186 -15.84 9.91 -26.70
N SER B 187 -14.93 10.81 -26.35
CA SER B 187 -14.98 12.23 -26.77
C SER B 187 -16.26 13.00 -26.36
N VAL B 188 -17.04 12.46 -25.42
CA VAL B 188 -18.32 13.03 -25.07
C VAL B 188 -18.12 14.19 -24.12
N THR B 189 -18.64 15.35 -24.48
CA THR B 189 -18.57 16.53 -23.63
C THR B 189 -19.97 16.82 -23.05
N LEU B 190 -20.04 17.04 -21.75
CA LEU B 190 -21.24 17.54 -21.08
C LEU B 190 -20.87 18.90 -20.55
N GLY B 191 -20.80 19.86 -21.49
CA GLY B 191 -20.20 21.15 -21.24
C GLY B 191 -21.09 22.35 -21.01
N GLY B 192 -20.41 23.48 -20.86
CA GLY B 192 -21.02 24.80 -20.89
C GLY B 192 -21.16 25.34 -22.31
N THR B 193 -21.77 26.52 -22.40
CA THR B 193 -22.19 27.12 -23.65
C THR B 193 -21.45 28.45 -23.93
N GLY B 194 -21.64 29.43 -23.04
CA GLY B 194 -21.15 30.79 -23.20
C GLY B 194 -21.84 31.75 -22.22
N LYS B 195 -21.04 32.42 -21.38
CA LYS B 195 -21.47 33.46 -20.40
C LYS B 195 -22.14 33.06 -19.03
N THR B 196 -23.15 32.19 -19.02
CA THR B 196 -24.05 32.04 -17.82
C THR B 196 -23.42 31.35 -16.59
N SER B 197 -22.66 32.13 -15.81
CA SER B 197 -22.15 31.69 -14.51
C SER B 197 -23.27 31.27 -13.55
N GLY B 198 -22.92 30.47 -12.55
CA GLY B 198 -23.89 29.73 -11.73
C GLY B 198 -24.10 28.38 -12.41
N ASP B 199 -25.35 27.96 -12.56
CA ASP B 199 -25.65 26.68 -13.22
C ASP B 199 -25.48 26.78 -14.75
N ARG B 200 -24.78 25.81 -15.35
CA ARG B 200 -24.49 25.85 -16.78
C ARG B 200 -24.23 24.51 -17.49
N HIS B 201 -24.62 23.38 -16.92
CA HIS B 201 -24.22 22.06 -17.46
C HIS B 201 -25.40 21.10 -17.54
N PRO B 202 -25.38 20.16 -18.52
CA PRO B 202 -26.49 19.22 -18.77
C PRO B 202 -26.97 18.42 -17.57
N LYS B 203 -28.24 18.04 -17.59
CA LYS B 203 -28.81 17.11 -16.63
C LYS B 203 -29.20 15.87 -17.40
N ILE B 204 -28.25 14.98 -17.65
CA ILE B 204 -28.55 13.69 -18.32
C ILE B 204 -29.32 12.81 -17.34
N ARG B 205 -30.44 12.25 -17.80
CA ARG B 205 -31.36 11.49 -16.92
C ARG B 205 -31.23 10.01 -17.19
N GLU B 206 -31.90 9.22 -16.36
CA GLU B 206 -31.79 7.76 -16.32
C GLU B 206 -31.76 7.08 -17.65
N GLY B 207 -31.18 5.89 -17.70
CA GLY B 207 -31.18 5.04 -18.90
C GLY B 207 -30.76 5.63 -20.26
N VAL B 208 -30.20 6.84 -20.27
CA VAL B 208 -29.77 7.49 -21.53
C VAL B 208 -28.62 6.73 -22.21
N MET B 209 -28.39 6.99 -23.49
CA MET B 209 -27.21 6.50 -24.18
C MET B 209 -26.63 7.61 -25.05
N ILE B 210 -25.41 8.06 -24.72
CA ILE B 210 -24.72 9.07 -25.54
C ILE B 210 -23.67 8.41 -26.42
N GLY B 211 -23.59 8.84 -27.67
CA GLY B 211 -22.67 8.26 -28.66
C GLY B 211 -21.38 9.03 -28.83
N ALA B 212 -20.46 8.41 -29.57
CA ALA B 212 -19.16 9.00 -29.91
C ALA B 212 -19.22 10.50 -30.27
N GLY B 213 -18.18 11.25 -29.89
CA GLY B 213 -18.06 12.68 -30.25
C GLY B 213 -19.25 13.58 -29.95
N ALA B 214 -20.07 13.20 -28.98
CA ALA B 214 -21.30 13.89 -28.72
C ALA B 214 -21.00 15.06 -27.82
N LYS B 215 -21.00 16.25 -28.41
CA LYS B 215 -20.94 17.48 -27.64
C LYS B 215 -22.36 17.79 -27.19
N ILE B 216 -22.53 18.28 -25.96
CA ILE B 216 -23.85 18.55 -25.37
C ILE B 216 -23.70 19.72 -24.41
N LEU B 217 -24.20 20.89 -24.80
CA LEU B 217 -23.85 22.13 -24.13
C LEU B 217 -25.02 22.77 -23.41
N GLY B 218 -24.70 23.54 -22.37
CA GLY B 218 -25.67 24.34 -21.64
C GLY B 218 -26.41 23.56 -20.58
N ASN B 219 -27.18 24.31 -19.77
CA ASN B 219 -27.94 23.82 -18.61
C ASN B 219 -29.26 23.19 -19.04
N ILE B 220 -29.21 22.27 -19.99
CA ILE B 220 -30.41 21.84 -20.69
C ILE B 220 -30.96 20.60 -19.97
N GLU B 221 -31.51 19.64 -20.71
CA GLU B 221 -31.80 18.34 -20.18
C GLU B 221 -31.87 17.29 -21.29
N VAL B 222 -31.56 16.05 -20.94
CA VAL B 222 -31.88 14.90 -21.78
C VAL B 222 -32.65 13.93 -20.90
N GLY B 223 -33.94 13.72 -21.19
CA GLY B 223 -34.84 12.91 -20.36
C GLY B 223 -34.54 11.43 -20.48
N ARG B 224 -35.32 10.59 -19.79
CA ARG B 224 -35.15 9.10 -19.77
C ARG B 224 -34.80 8.40 -21.11
N GLY B 225 -34.61 7.08 -21.09
CA GLY B 225 -34.39 6.23 -22.30
C GLY B 225 -34.07 6.84 -23.65
N ALA B 226 -33.35 7.95 -23.67
CA ALA B 226 -33.13 8.75 -24.89
C ALA B 226 -32.06 8.09 -25.79
N LYS B 227 -31.49 8.88 -26.70
CA LYS B 227 -30.43 8.41 -27.59
C LYS B 227 -29.78 9.62 -28.25
N ILE B 228 -28.55 9.94 -27.85
CA ILE B 228 -27.78 10.91 -28.60
C ILE B 228 -26.91 10.11 -29.56
N GLY B 229 -26.91 10.55 -30.81
CA GLY B 229 -26.17 9.87 -31.86
C GLY B 229 -24.78 10.42 -31.91
N ALA B 230 -23.91 9.65 -32.54
CA ALA B 230 -22.52 10.04 -32.69
C ALA B 230 -22.38 11.33 -33.49
N GLY B 231 -21.42 12.18 -33.13
CA GLY B 231 -21.22 13.47 -33.79
C GLY B 231 -22.13 14.60 -33.33
N SER B 232 -23.19 14.28 -32.57
CA SER B 232 -24.26 15.25 -32.25
C SER B 232 -23.76 16.42 -31.43
N VAL B 233 -24.28 17.59 -31.71
CA VAL B 233 -24.15 18.76 -30.82
C VAL B 233 -25.56 19.04 -30.34
N VAL B 234 -25.75 19.12 -29.03
CA VAL B 234 -27.07 19.14 -28.43
C VAL B 234 -27.29 20.41 -27.60
N LEU B 235 -27.89 21.42 -28.21
CA LEU B 235 -28.22 22.69 -27.53
C LEU B 235 -29.62 22.75 -26.97
N GLN B 236 -30.51 21.91 -27.49
CA GLN B 236 -31.94 21.96 -27.18
C GLN B 236 -32.31 20.73 -26.38
N PRO B 237 -33.17 20.86 -25.35
CA PRO B 237 -33.57 19.65 -24.60
C PRO B 237 -34.12 18.50 -25.44
N VAL B 238 -34.00 17.29 -24.91
CA VAL B 238 -34.55 16.10 -25.53
C VAL B 238 -35.57 15.59 -24.55
N PRO B 239 -36.80 15.31 -25.03
CA PRO B 239 -37.79 14.73 -24.12
C PRO B 239 -37.52 13.25 -23.81
N PRO B 240 -38.15 12.69 -22.77
CA PRO B 240 -38.04 11.25 -22.52
C PRO B 240 -38.26 10.34 -23.74
N HIS B 241 -37.46 9.29 -23.85
CA HIS B 241 -37.64 8.19 -24.82
C HIS B 241 -37.58 8.62 -26.30
N THR B 242 -36.92 9.75 -26.56
CA THR B 242 -36.84 10.34 -27.89
C THR B 242 -35.61 9.77 -28.61
N THR B 243 -34.99 10.58 -29.49
CA THR B 243 -33.69 10.27 -30.13
C THR B 243 -33.26 11.51 -30.93
N ALA B 244 -32.19 12.20 -30.51
CA ALA B 244 -31.63 13.40 -31.20
C ALA B 244 -30.46 13.05 -32.16
N ALA B 245 -29.93 14.03 -32.89
CA ALA B 245 -28.84 13.80 -33.90
C ALA B 245 -28.48 15.02 -34.73
N GLY B 246 -27.27 15.00 -35.28
CA GLY B 246 -26.79 16.04 -36.18
C GLY B 246 -26.28 17.28 -35.47
N VAL B 247 -25.92 18.29 -36.28
CA VAL B 247 -25.29 19.54 -35.82
C VAL B 247 -26.10 20.77 -36.31
N PRO B 248 -26.92 21.42 -35.47
CA PRO B 248 -27.28 20.98 -34.11
C PRO B 248 -28.18 19.76 -34.08
N ALA B 249 -28.65 19.42 -32.89
CA ALA B 249 -29.45 18.23 -32.70
C ALA B 249 -30.93 18.55 -32.83
N ARG B 250 -31.60 17.75 -33.67
CA ARG B 250 -33.05 17.79 -33.88
C ARG B 250 -33.58 16.34 -33.93
N ILE B 251 -34.78 16.14 -33.39
CA ILE B 251 -35.34 14.78 -33.20
C ILE B 251 -35.55 14.05 -34.55
N VAL B 252 -35.38 12.71 -34.55
CA VAL B 252 -35.61 11.87 -35.74
C VAL B 252 -36.27 10.53 -35.39
#